data_8IJY
#
_entry.id   8IJY
#
_cell.length_a   105.116
_cell.length_b   109.136
_cell.length_c   95.217
_cell.angle_alpha   90.00
_cell.angle_beta   90.00
_cell.angle_gamma   90.00
#
_symmetry.space_group_name_H-M   'C 2 2 21'
#
loop_
_entity.id
_entity.type
_entity.pdbx_description
1 polymer 'Deoxyribodipyrimidine photolyase-related protein'
2 non-polymer 'IRON/SULFUR CLUSTER'
3 non-polymer 8-HYDROXY-10-(D-RIBO-2,3,4,5-TETRAHYDROXYPENTYL)-5-DEAZAISOALLOXAZINE
4 non-polymer 'FLAVIN-ADENINE DINUCLEOTIDE'
5 non-polymer GLYCEROL
6 non-polymer 2-AMINO-2-HYDROXYMETHYL-PROPANE-1,3-DIOL
7 water water
#
_entity_poly.entity_id   1
_entity_poly.type   'polypeptide(L)'
_entity_poly.pdbx_seq_one_letter_code
;MTVGIWILGDQLTLQHPALSSRAVDQSQTRILLVESLEHAQRRPYHRQKLVLLWSAMRHFADELRSQGWTVDYVEQADSF
QTAVSAWCQQYQIAELQVMEPADRSFRAIISSLELTSSLHWLSNCQFLWSTAEFTAWAKPYRQLRLENFYREGRKRWQVL
LTEDQEPIGGQWNFDPENRKPPKTGLQPPPAAHFLPDAITQTVIETVRSLELPLYGKLEPFHWPVTRSQALEALDQFLTV
KLKTFGPYQDAMVSGQATMWHSLIAPALNLGLLHPLEVIRQTEQAFHNNQAPIASVEGFIRQILGWREYMYGLHHYFPDT
YGQSNWFEHDRPLPEFFWTGQTDLHCLQQCFQQIEAIGYSHHIQRLMILANFALIAGLDPWAVKEWFQATHLDAYDWVME
TNVLGMGLFADGGKLASKPYAASANYINRMSNYCQNCRYDPKQRLGDRACPFNALYWDFLDRHEQKLQAQGRMGLILKQL
QKLPDSDRAAIRDQAAHWQASWDAAALEHHHHHH
;
_entity_poly.pdbx_strand_id   A
#
# COMPACT_ATOMS: atom_id res chain seq x y z
N THR A 2 -2.56 -8.97 37.39
CA THR A 2 -2.87 -9.64 36.10
C THR A 2 -2.15 -8.87 35.01
N VAL A 3 -1.52 -9.61 34.10
CA VAL A 3 -0.92 -8.96 32.91
C VAL A 3 -1.98 -8.77 31.80
N GLY A 4 -2.05 -7.56 31.26
CA GLY A 4 -2.87 -7.33 30.07
C GLY A 4 -2.03 -7.22 28.80
N ILE A 5 -2.56 -7.76 27.71
CA ILE A 5 -2.02 -7.54 26.36
C ILE A 5 -3.07 -6.86 25.52
N TRP A 6 -2.80 -5.65 25.05
CA TRP A 6 -3.71 -5.01 24.12
C TRP A 6 -3.18 -5.22 22.70
N ILE A 7 -3.90 -6.01 21.93
CA ILE A 7 -3.50 -6.28 20.54
C ILE A 7 -4.22 -5.35 19.57
N LEU A 8 -3.47 -4.69 18.71
CA LEU A 8 -3.99 -3.76 17.72
C LEU A 8 -4.49 -4.45 16.43
N GLY A 9 -5.37 -3.74 15.71
CA GLY A 9 -6.04 -4.29 14.53
C GLY A 9 -5.09 -4.68 13.38
N ASP A 10 -3.84 -4.16 13.33
CA ASP A 10 -2.86 -4.62 12.29
C ASP A 10 -1.77 -5.56 12.87
N GLN A 11 -2.06 -6.13 14.04
CA GLN A 11 -1.16 -7.03 14.71
C GLN A 11 -1.79 -8.41 14.91
N LEU A 12 -2.66 -8.79 14.01
CA LEU A 12 -3.32 -10.09 14.14
C LEU A 12 -2.45 -11.26 13.77
N THR A 13 -1.35 -11.43 14.48
CA THR A 13 -0.42 -12.53 14.25
C THR A 13 -0.34 -13.44 15.45
N LEU A 14 -0.31 -14.71 15.20
CA LEU A 14 -0.24 -15.67 16.26
C LEU A 14 1.11 -15.66 16.90
N GLN A 15 2.08 -15.06 16.24
CA GLN A 15 3.45 -14.93 16.78
C GLN A 15 3.67 -13.60 17.41
N HIS A 16 2.61 -12.90 17.78
CA HIS A 16 2.74 -11.73 18.65
C HIS A 16 3.63 -12.05 19.85
N PRO A 17 4.63 -11.21 20.14
CA PRO A 17 5.64 -11.56 21.11
C PRO A 17 5.11 -11.79 22.54
N ALA A 18 4.18 -10.98 23.01
CA ALA A 18 3.44 -11.22 24.25
C ALA A 18 2.80 -12.58 24.34
N LEU A 19 2.28 -13.09 23.24
CA LEU A 19 1.71 -14.45 23.25
C LEU A 19 2.78 -15.51 23.36
N SER A 20 4.00 -15.24 22.91
CA SER A 20 5.10 -16.21 23.02
C SER A 20 5.70 -16.21 24.42
N SER A 21 5.84 -15.04 25.07
CA SER A 21 6.45 -14.93 26.43
C SER A 21 5.50 -15.27 27.60
N ARG A 22 4.26 -14.77 27.51
CA ARG A 22 3.17 -15.05 28.47
C ARG A 22 2.50 -16.42 28.28
N ALA A 23 2.92 -17.21 27.27
CA ALA A 23 2.40 -18.56 27.01
C ALA A 23 2.45 -19.52 28.23
N VAL A 24 3.46 -19.38 29.08
CA VAL A 24 3.49 -20.05 30.41
C VAL A 24 2.49 -19.44 31.44
N ASP A 25 2.07 -18.18 31.24
CA ASP A 25 1.25 -17.39 32.19
C ASP A 25 -0.18 -17.12 31.65
N GLN A 26 -0.66 -18.09 30.88
CA GLN A 26 -1.90 -17.97 30.16
C GLN A 26 -3.05 -17.72 31.13
N SER A 27 -3.01 -18.30 32.34
CA SER A 27 -4.11 -18.17 33.32
C SER A 27 -4.03 -16.88 34.16
N GLN A 28 -2.94 -16.13 33.99
CA GLN A 28 -2.78 -14.83 34.65
C GLN A 28 -2.64 -13.67 33.64
N THR A 29 -3.28 -13.83 32.49
CA THR A 29 -3.15 -12.85 31.43
C THR A 29 -4.53 -12.67 30.82
N ARG A 30 -4.80 -11.46 30.40
CA ARG A 30 -6.03 -11.18 29.69
C ARG A 30 -5.66 -10.37 28.46
N ILE A 31 -6.27 -10.71 27.33
CA ILE A 31 -6.01 -10.08 26.06
C ILE A 31 -7.18 -9.19 25.72
N LEU A 32 -6.89 -7.99 25.26
CA LEU A 32 -7.86 -7.01 24.85
C LEU A 32 -7.73 -6.68 23.35
N LEU A 33 -8.84 -6.57 22.67
CA LEU A 33 -8.88 -5.95 21.32
C LEU A 33 -10.04 -4.96 21.35
N VAL A 34 -9.86 -3.83 20.70
CA VAL A 34 -10.91 -2.81 20.74
C VAL A 34 -11.15 -2.25 19.36
N GLU A 35 -12.42 -2.17 18.97
CA GLU A 35 -12.87 -1.46 17.81
C GLU A 35 -13.20 -0.03 18.28
N SER A 36 -12.58 1.01 17.66
CA SER A 36 -12.80 2.43 18.07
C SER A 36 -13.43 3.22 16.95
N LEU A 37 -14.61 3.74 17.21
CA LEU A 37 -15.32 4.58 16.26
C LEU A 37 -14.63 5.91 16.07
N GLU A 38 -14.03 6.46 17.12
CA GLU A 38 -13.25 7.68 16.96
C GLU A 38 -12.13 7.41 15.93
N HIS A 39 -11.42 6.28 16.09
CA HIS A 39 -10.36 5.92 15.13
C HIS A 39 -10.86 5.84 13.67
N ALA A 40 -12.03 5.27 13.46
CA ALA A 40 -12.57 5.10 12.12
C ALA A 40 -13.00 6.46 11.57
N GLN A 41 -13.37 7.39 12.43
CA GLN A 41 -13.82 8.72 12.02
C GLN A 41 -12.66 9.63 11.50
N ARG A 42 -11.40 9.20 11.66
CA ARG A 42 -10.28 10.04 11.25
C ARG A 42 -10.17 10.17 9.74
N ARG A 43 -10.73 9.23 8.99
CA ARG A 43 -10.71 9.26 7.53
C ARG A 43 -12.03 8.77 6.98
N PRO A 44 -12.40 9.19 5.78
CA PRO A 44 -13.59 8.60 5.15
C PRO A 44 -13.29 7.21 4.56
N TYR A 45 -13.14 6.22 5.45
CA TYR A 45 -12.61 4.92 5.08
C TYR A 45 -13.52 4.18 4.17
N HIS A 46 -12.89 3.39 3.29
CA HIS A 46 -13.61 2.43 2.47
C HIS A 46 -14.42 1.54 3.39
N ARG A 47 -15.67 1.33 3.03
CA ARG A 47 -16.53 0.46 3.82
C ARG A 47 -15.93 -0.93 3.99
N GLN A 48 -15.37 -1.48 2.94
CA GLN A 48 -14.67 -2.76 3.01
C GLN A 48 -13.43 -2.78 3.88
N LYS A 49 -12.77 -1.63 4.05
CA LYS A 49 -11.67 -1.55 5.01
C LYS A 49 -12.18 -1.85 6.43
N LEU A 50 -13.27 -1.20 6.83
CA LEU A 50 -13.80 -1.39 8.16
C LEU A 50 -14.35 -2.80 8.34
N VAL A 51 -14.95 -3.31 7.30
CA VAL A 51 -15.42 -4.69 7.29
C VAL A 51 -14.21 -5.61 7.45
N LEU A 52 -13.25 -5.49 6.56
CA LEU A 52 -12.05 -6.32 6.66
C LEU A 52 -11.39 -6.28 8.04
N LEU A 53 -11.12 -5.09 8.54
CA LEU A 53 -10.29 -4.97 9.72
C LEU A 53 -11.05 -5.55 10.91
N TRP A 54 -12.30 -5.11 11.08
CA TRP A 54 -13.06 -5.54 12.24
C TRP A 54 -13.47 -7.01 12.15
N SER A 55 -13.69 -7.53 10.94
CA SER A 55 -13.98 -8.98 10.88
C SER A 55 -12.70 -9.81 11.15
N ALA A 56 -11.56 -9.38 10.64
CA ALA A 56 -10.31 -10.07 10.93
C ALA A 56 -10.02 -10.08 12.44
N MET A 57 -10.24 -8.95 13.09
CA MET A 57 -10.09 -8.80 14.54
C MET A 57 -10.96 -9.79 15.33
N ARG A 58 -12.24 -9.85 14.99
CA ARG A 58 -13.18 -10.74 15.68
C ARG A 58 -12.77 -12.18 15.44
N HIS A 59 -12.44 -12.52 14.19
CA HIS A 59 -11.99 -13.88 13.89
C HIS A 59 -10.75 -14.23 14.66
N PHE A 60 -9.81 -13.27 14.77
CA PHE A 60 -8.54 -13.55 15.47
C PHE A 60 -8.74 -13.79 16.99
N ALA A 61 -9.58 -12.97 17.60
CA ALA A 61 -10.00 -13.08 18.98
C ALA A 61 -10.55 -14.45 19.25
N ASP A 62 -11.45 -14.95 18.42
CA ASP A 62 -11.99 -16.33 18.59
C ASP A 62 -10.90 -17.39 18.44
N GLU A 63 -9.97 -17.18 17.50
CA GLU A 63 -8.83 -18.10 17.33
C GLU A 63 -7.99 -18.21 18.63
N LEU A 64 -7.64 -17.05 19.19
CA LEU A 64 -6.94 -16.96 20.48
C LEU A 64 -7.73 -17.67 21.60
N ARG A 65 -9.03 -17.43 21.76
CA ARG A 65 -9.83 -18.22 22.72
C ARG A 65 -9.78 -19.68 22.50
N SER A 66 -9.81 -20.11 21.26
CA SER A 66 -9.82 -21.55 20.96
C SER A 66 -8.51 -22.24 21.44
N GLN A 67 -7.46 -21.43 21.61
CA GLN A 67 -6.20 -21.85 22.20
C GLN A 67 -6.01 -21.64 23.70
N GLY A 68 -7.06 -21.28 24.44
CA GLY A 68 -6.99 -21.15 25.92
C GLY A 68 -6.90 -19.74 26.48
N TRP A 69 -6.82 -18.76 25.62
CA TRP A 69 -6.51 -17.42 26.11
C TRP A 69 -7.82 -16.83 26.54
N THR A 70 -7.86 -16.07 27.62
CA THR A 70 -9.01 -15.20 27.97
C THR A 70 -8.93 -13.88 27.17
N VAL A 71 -9.90 -13.64 26.30
CA VAL A 71 -9.85 -12.56 25.35
C VAL A 71 -11.08 -11.70 25.56
N ASP A 72 -10.91 -10.43 25.87
CA ASP A 72 -12.07 -9.53 25.94
C ASP A 72 -12.04 -8.62 24.70
N TYR A 73 -13.18 -8.56 24.04
CA TYR A 73 -13.31 -7.89 22.79
C TYR A 73 -14.27 -6.79 23.03
N VAL A 74 -13.93 -5.54 22.72
CA VAL A 74 -14.88 -4.45 22.91
C VAL A 74 -15.38 -4.00 21.53
N GLU A 75 -16.59 -4.38 21.19
CA GLU A 75 -17.23 -3.97 19.92
C GLU A 75 -17.65 -2.49 19.89
N GLN A 76 -17.43 -1.84 18.75
CA GLN A 76 -17.97 -0.52 18.48
C GLN A 76 -17.83 0.47 19.65
N ALA A 77 -16.67 0.46 20.31
CA ALA A 77 -16.37 1.44 21.38
C ALA A 77 -16.29 2.85 20.85
N ASP A 78 -16.45 3.83 21.74
CA ASP A 78 -16.37 5.25 21.33
C ASP A 78 -14.94 5.65 21.03
N SER A 79 -14.00 5.06 21.77
CA SER A 79 -12.61 5.50 21.85
C SER A 79 -11.77 4.42 22.45
N PHE A 80 -10.49 4.42 22.08
CA PHE A 80 -9.53 3.57 22.78
C PHE A 80 -9.38 4.03 24.25
N GLN A 81 -9.35 5.33 24.51
CA GLN A 81 -9.31 5.86 25.88
C GLN A 81 -10.39 5.29 26.76
N THR A 82 -11.62 5.43 26.32
CA THR A 82 -12.75 4.81 27.04
C THR A 82 -12.67 3.29 27.29
N ALA A 83 -12.52 2.53 26.20
CA ALA A 83 -12.49 1.07 26.26
C ALA A 83 -11.32 0.56 27.07
N VAL A 84 -10.12 1.03 26.75
CA VAL A 84 -8.90 0.50 27.37
C VAL A 84 -8.88 0.88 28.86
N SER A 85 -9.22 2.12 29.20
CA SER A 85 -9.20 2.57 30.61
C SER A 85 -10.17 1.75 31.44
N ALA A 86 -11.38 1.60 30.96
CA ALA A 86 -12.36 0.78 31.64
C ALA A 86 -11.98 -0.69 31.84
N TRP A 87 -11.42 -1.30 30.82
CA TRP A 87 -10.95 -2.68 30.96
C TRP A 87 -9.83 -2.79 31.94
N CYS A 88 -8.90 -1.86 31.89
CA CYS A 88 -7.77 -1.87 32.85
C CYS A 88 -8.23 -1.78 34.31
N GLN A 89 -9.09 -0.77 34.59
CA GLN A 89 -9.83 -0.58 35.83
C GLN A 89 -10.59 -1.88 36.22
N GLN A 90 -11.39 -2.41 35.32
CA GLN A 90 -12.22 -3.56 35.68
C GLN A 90 -11.47 -4.82 36.03
N TYR A 91 -10.37 -5.09 35.39
CA TYR A 91 -9.70 -6.35 35.64
C TYR A 91 -8.45 -6.12 36.41
N GLN A 92 -8.38 -4.97 37.04
CA GLN A 92 -7.23 -4.61 37.83
C GLN A 92 -5.95 -5.00 37.13
N ILE A 93 -5.78 -4.55 35.89
CA ILE A 93 -4.58 -4.84 35.15
C ILE A 93 -3.44 -4.05 35.68
N ALA A 94 -2.34 -4.73 35.95
CA ALA A 94 -1.18 -4.08 36.50
C ALA A 94 -0.21 -3.65 35.43
N GLU A 95 0.05 -4.52 34.46
CA GLU A 95 0.94 -4.19 33.36
C GLU A 95 0.27 -4.40 32.02
N LEU A 96 0.19 -3.36 31.21
CA LEU A 96 -0.34 -3.49 29.88
C LEU A 96 0.79 -3.60 28.85
N GLN A 97 0.98 -4.82 28.33
CA GLN A 97 1.93 -5.06 27.22
C GLN A 97 1.33 -4.66 25.89
N VAL A 98 2.08 -3.87 25.14
CA VAL A 98 1.67 -3.45 23.83
C VAL A 98 2.86 -3.51 22.89
N MET A 99 2.66 -4.11 21.72
CA MET A 99 3.67 -4.11 20.64
C MET A 99 3.66 -2.80 19.93
N GLU A 100 4.87 -2.25 19.81
CA GLU A 100 5.13 -1.03 19.05
C GLU A 100 4.31 -1.04 17.74
N PRO A 101 3.47 0.02 17.55
CA PRO A 101 2.63 0.09 16.36
C PRO A 101 3.51 0.25 15.14
N ALA A 102 3.12 -0.40 14.05
CA ALA A 102 3.78 -0.16 12.74
C ALA A 102 3.62 1.28 12.27
N ASP A 103 2.50 1.91 12.58
CA ASP A 103 2.33 3.33 12.28
C ASP A 103 2.82 4.21 13.44
N ARG A 104 3.90 4.94 13.24
CA ARG A 104 4.54 5.65 14.33
C ARG A 104 3.66 6.71 14.95
N SER A 105 2.70 7.29 14.24
CA SER A 105 1.84 8.31 14.87
C SER A 105 0.89 7.71 15.89
N PHE A 106 0.67 6.39 15.79
CA PHE A 106 -0.22 5.69 16.70
C PHE A 106 0.35 5.56 18.12
N ARG A 107 1.69 5.55 18.20
CA ARG A 107 2.39 5.42 19.48
C ARG A 107 1.98 6.55 20.43
N ALA A 108 1.74 7.74 19.89
CA ALA A 108 1.39 8.94 20.67
C ALA A 108 0.01 8.80 21.29
N ILE A 109 -0.91 8.20 20.54
CA ILE A 109 -2.23 7.85 21.04
C ILE A 109 -2.13 6.97 22.31
N ILE A 110 -1.44 5.85 22.18
CA ILE A 110 -1.32 4.83 23.20
C ILE A 110 -0.66 5.46 24.42
N SER A 111 0.48 6.12 24.22
CA SER A 111 1.23 6.60 25.34
C SER A 111 0.54 7.85 25.98
N SER A 112 -0.42 8.48 25.29
CA SER A 112 -1.28 9.52 25.91
C SER A 112 -2.52 8.98 26.68
N LEU A 113 -2.81 7.70 26.57
CA LEU A 113 -3.96 7.18 27.30
C LEU A 113 -3.72 7.28 28.82
N GLU A 114 -4.75 7.67 29.55
CA GLU A 114 -4.67 7.79 31.02
C GLU A 114 -5.27 6.55 31.61
N LEU A 115 -4.43 5.74 32.22
CA LEU A 115 -4.73 4.36 32.58
C LEU A 115 -4.17 4.03 33.94
N THR A 116 -4.90 3.20 34.68
CA THR A 116 -4.46 2.70 35.99
C THR A 116 -3.30 1.71 35.83
N SER A 117 -3.13 1.09 34.67
CA SER A 117 -1.99 0.18 34.41
C SER A 117 -0.75 0.93 33.95
N SER A 118 0.41 0.35 34.18
CA SER A 118 1.62 0.90 33.57
C SER A 118 1.73 0.25 32.17
N LEU A 119 2.51 0.91 31.30
CA LEU A 119 2.70 0.52 29.91
C LEU A 119 4.01 -0.26 29.69
N HIS A 120 4.00 -1.41 29.06
CA HIS A 120 5.26 -2.10 28.80
C HIS A 120 5.32 -2.37 27.31
N TRP A 121 6.20 -1.62 26.67
CA TRP A 121 6.37 -1.74 25.22
C TRP A 121 7.17 -2.96 24.84
N LEU A 122 6.78 -3.57 23.76
CA LEU A 122 7.48 -4.68 23.23
C LEU A 122 7.77 -4.31 21.81
N SER A 123 8.84 -4.85 21.27
CA SER A 123 9.25 -4.55 19.91
C SER A 123 8.42 -5.18 18.82
N ASN A 124 8.27 -4.45 17.72
CA ASN A 124 7.53 -4.96 16.61
C ASN A 124 8.41 -5.92 15.92
N CYS A 125 7.95 -7.14 15.84
CA CYS A 125 8.70 -8.14 15.15
C CYS A 125 7.90 -8.73 14.01
N GLN A 126 6.99 -7.92 13.42
CA GLN A 126 6.14 -8.41 12.32
C GLN A 126 6.78 -8.38 10.94
N PHE A 127 7.87 -7.63 10.80
CA PHE A 127 8.59 -7.48 9.55
C PHE A 127 9.90 -8.23 9.63
N LEU A 128 10.60 -8.37 8.54
CA LEU A 128 11.85 -9.09 8.55
C LEU A 128 12.94 -8.30 9.24
N TRP A 129 13.11 -7.04 8.86
CA TRP A 129 14.17 -6.21 9.40
C TRP A 129 13.64 -5.50 10.63
N SER A 130 14.40 -5.53 11.73
CA SER A 130 14.03 -4.71 12.91
C SER A 130 14.32 -3.26 12.65
N THR A 131 13.62 -2.35 13.32
CA THR A 131 13.93 -0.92 13.14
C THR A 131 15.41 -0.52 13.39
N ALA A 132 15.98 -1.13 14.41
CA ALA A 132 17.38 -0.93 14.72
C ALA A 132 18.28 -1.44 13.61
N GLU A 133 17.97 -2.58 13.03
CA GLU A 133 18.79 -3.13 11.94
C GLU A 133 18.73 -2.30 10.66
N PHE A 134 17.53 -1.78 10.40
CA PHE A 134 17.33 -1.01 9.23
C PHE A 134 18.14 0.27 9.40
N THR A 135 17.97 0.90 10.56
CA THR A 135 18.68 2.12 10.87
C THR A 135 20.18 1.91 10.79
N ALA A 136 20.70 0.85 11.36
CA ALA A 136 22.14 0.54 11.22
C ALA A 136 22.60 0.35 9.77
N TRP A 137 21.84 -0.37 9.00
CA TRP A 137 22.18 -0.53 7.59
C TRP A 137 22.19 0.81 6.80
N ALA A 138 21.20 1.65 7.02
CA ALA A 138 21.02 2.89 6.29
C ALA A 138 21.98 4.03 6.67
N LYS A 139 22.28 4.13 7.96
CA LYS A 139 23.08 5.25 8.54
C LYS A 139 24.31 5.71 7.78
N PRO A 140 25.11 4.77 7.25
CA PRO A 140 26.30 5.22 6.61
C PRO A 140 26.13 5.96 5.31
N TYR A 141 24.94 5.97 4.70
CA TYR A 141 24.78 6.59 3.39
C TYR A 141 23.82 7.79 3.38
N ARG A 142 24.13 8.82 2.62
CA ARG A 142 23.19 9.92 2.41
C ARG A 142 22.12 9.44 1.44
N GLN A 143 22.50 8.72 0.38
CA GLN A 143 21.51 8.27 -0.63
C GLN A 143 21.29 6.75 -0.52
N LEU A 144 20.04 6.34 -0.32
CA LEU A 144 19.71 4.93 -0.20
C LEU A 144 19.26 4.39 -1.52
N ARG A 145 19.42 3.10 -1.75
CA ARG A 145 18.92 2.50 -3.00
C ARG A 145 18.20 1.20 -2.73
N LEU A 146 17.03 1.05 -3.35
CA LEU A 146 16.27 -0.14 -3.11
C LEU A 146 17.08 -1.37 -3.50
N GLU A 147 17.68 -1.38 -4.66
CA GLU A 147 18.36 -2.59 -5.16
C GLU A 147 19.43 -3.17 -4.19
N ASN A 148 20.18 -2.30 -3.55
CA ASN A 148 21.23 -2.77 -2.70
C ASN A 148 20.63 -3.36 -1.44
N PHE A 149 19.64 -2.65 -0.89
CA PHE A 149 18.90 -3.11 0.29
C PHE A 149 18.32 -4.49 0.06
N TYR A 150 17.75 -4.66 -1.14
CA TYR A 150 17.12 -5.88 -1.52
C TYR A 150 18.18 -7.03 -1.57
N ARG A 151 19.33 -6.79 -2.20
CA ARG A 151 20.37 -7.85 -2.25
C ARG A 151 20.83 -8.24 -0.88
N GLU A 152 21.01 -7.27 -0.03
CA GLU A 152 21.39 -7.53 1.34
C GLU A 152 20.35 -8.44 2.01
N GLY A 153 19.06 -8.20 1.71
CA GLY A 153 17.96 -9.06 2.16
C GLY A 153 18.13 -10.47 1.63
N ARG A 154 18.46 -10.62 0.36
CA ARG A 154 18.61 -11.94 -0.20
C ARG A 154 19.67 -12.75 0.52
N LYS A 155 20.69 -12.08 0.99
CA LYS A 155 21.74 -12.75 1.72
C LYS A 155 21.40 -13.08 3.15
N ARG A 156 20.85 -12.11 3.86
CA ARG A 156 20.52 -12.29 5.26
C ARG A 156 19.44 -13.31 5.50
N TRP A 157 18.55 -13.47 4.56
CA TRP A 157 17.52 -14.46 4.70
C TRP A 157 17.71 -15.62 3.75
N GLN A 158 18.86 -15.69 3.09
CA GLN A 158 19.21 -16.84 2.28
C GLN A 158 18.11 -17.17 1.34
N VAL A 159 17.68 -16.16 0.56
CA VAL A 159 16.61 -16.27 -0.42
C VAL A 159 17.12 -16.44 -1.89
N LEU A 160 16.64 -17.51 -2.53
CA LEU A 160 16.92 -17.83 -3.94
C LEU A 160 18.42 -17.73 -4.23
N LEU A 161 19.19 -18.48 -3.43
CA LEU A 161 20.62 -18.61 -3.61
C LEU A 161 21.00 -20.04 -3.90
N THR A 162 22.08 -20.23 -4.64
CA THR A 162 22.61 -21.57 -4.90
C THR A 162 23.45 -21.97 -3.70
N GLU A 163 23.94 -23.20 -3.67
CA GLU A 163 24.78 -23.67 -2.55
C GLU A 163 26.03 -22.84 -2.41
N ASP A 164 26.52 -22.30 -3.52
CA ASP A 164 27.65 -21.38 -3.48
C ASP A 164 27.25 -19.91 -3.34
N GLN A 165 26.06 -19.60 -2.85
CA GLN A 165 25.67 -18.22 -2.52
C GLN A 165 25.52 -17.27 -3.70
N GLU A 166 25.31 -17.80 -4.91
CA GLU A 166 25.06 -16.98 -6.10
C GLU A 166 23.55 -16.95 -6.31
N PRO A 167 23.05 -15.87 -6.94
CA PRO A 167 21.62 -15.75 -7.13
C PRO A 167 21.14 -16.76 -8.15
N ILE A 168 20.03 -17.42 -7.86
CA ILE A 168 19.46 -18.45 -8.75
C ILE A 168 19.04 -17.79 -10.05
N GLY A 169 19.34 -18.46 -11.17
CA GLY A 169 19.06 -17.94 -12.51
C GLY A 169 20.16 -17.07 -13.11
N GLY A 170 21.25 -16.85 -12.38
CA GLY A 170 22.44 -16.23 -12.90
C GLY A 170 22.57 -14.73 -12.75
N GLN A 171 21.58 -14.09 -12.14
CA GLN A 171 21.60 -12.64 -11.87
C GLN A 171 20.66 -12.34 -10.72
N TRP A 172 20.89 -11.21 -10.07
CA TRP A 172 20.17 -10.87 -8.86
C TRP A 172 18.78 -10.51 -9.19
N ASN A 173 18.61 -9.80 -10.28
CA ASN A 173 17.40 -9.05 -10.51
C ASN A 173 16.93 -9.24 -11.96
N PHE A 174 15.71 -9.78 -12.11
CA PHE A 174 15.10 -10.00 -13.42
C PHE A 174 14.10 -8.92 -13.91
N ASP A 175 13.94 -7.83 -13.15
CA ASP A 175 12.96 -6.74 -13.47
C ASP A 175 12.95 -6.23 -14.91
N PRO A 176 14.13 -6.01 -15.56
CA PRO A 176 14.12 -5.67 -17.00
C PRO A 176 13.16 -6.52 -17.85
N GLU A 177 13.05 -7.81 -17.54
CA GLU A 177 12.19 -8.74 -18.29
C GLU A 177 10.69 -8.59 -17.96
N ASN A 178 10.39 -7.84 -16.90
CA ASN A 178 9.08 -7.85 -16.28
C ASN A 178 8.35 -6.51 -16.56
N ARG A 179 8.37 -6.12 -17.85
CA ARG A 179 7.74 -4.89 -18.36
C ARG A 179 7.17 -5.02 -19.79
N LYS A 180 6.89 -6.24 -20.26
CA LYS A 180 6.11 -6.42 -21.51
C LYS A 180 4.77 -5.61 -21.44
N PRO A 181 4.35 -4.97 -22.57
CA PRO A 181 3.00 -4.41 -22.53
C PRO A 181 1.98 -5.56 -22.61
N PRO A 182 0.69 -5.26 -22.44
CA PRO A 182 -0.33 -6.32 -22.48
C PRO A 182 -0.48 -7.07 -23.80
N LYS A 183 -0.79 -8.37 -23.72
CA LYS A 183 -1.02 -9.11 -24.94
C LYS A 183 -2.52 -9.10 -25.25
N THR A 184 -2.88 -8.61 -26.46
CA THR A 184 -4.29 -8.57 -26.97
C THR A 184 -4.99 -9.93 -26.81
N GLY A 185 -6.18 -9.88 -26.21
CA GLY A 185 -7.01 -11.08 -26.02
C GLY A 185 -6.67 -12.00 -24.86
N LEU A 186 -5.56 -11.82 -24.16
CA LEU A 186 -5.18 -12.76 -23.08
C LEU A 186 -5.96 -12.52 -21.82
N GLN A 187 -6.69 -13.53 -21.37
CA GLN A 187 -7.54 -13.37 -20.22
C GLN A 187 -6.86 -13.66 -18.89
N PRO A 188 -6.86 -12.68 -17.94
CA PRO A 188 -6.25 -13.05 -16.68
C PRO A 188 -6.97 -14.12 -15.93
N PRO A 189 -6.25 -14.82 -15.09
CA PRO A 189 -6.89 -15.76 -14.21
C PRO A 189 -7.70 -15.01 -13.17
N PRO A 190 -8.66 -15.69 -12.57
CA PRO A 190 -9.45 -14.90 -11.64
C PRO A 190 -8.90 -14.61 -10.27
N ALA A 191 -9.39 -13.53 -9.65
CA ALA A 191 -9.05 -13.25 -8.31
C ALA A 191 -9.72 -14.31 -7.40
N ALA A 192 -9.00 -14.65 -6.32
CA ALA A 192 -9.55 -15.36 -5.17
C ALA A 192 -10.74 -14.58 -4.62
N HIS A 193 -11.91 -15.24 -4.43
CA HIS A 193 -13.08 -14.65 -3.74
C HIS A 193 -13.56 -15.56 -2.60
N PHE A 194 -14.04 -14.93 -1.53
CA PHE A 194 -14.51 -15.58 -0.34
C PHE A 194 -15.89 -15.04 0.10
N LEU A 195 -16.82 -15.97 0.33
CA LEU A 195 -18.09 -15.61 0.82
C LEU A 195 -18.03 -15.27 2.30
N PRO A 196 -18.54 -14.09 2.68
CA PRO A 196 -18.61 -13.75 4.08
C PRO A 196 -19.26 -14.82 4.95
N ASP A 197 -18.67 -15.10 6.10
CA ASP A 197 -19.33 -15.96 7.07
C ASP A 197 -20.14 -15.09 8.05
N ALA A 198 -20.58 -15.69 9.13
CA ALA A 198 -21.58 -15.07 9.97
C ALA A 198 -21.01 -13.86 10.70
N ILE A 199 -19.79 -14.00 11.19
CA ILE A 199 -19.10 -12.89 11.86
C ILE A 199 -18.98 -11.71 10.90
N THR A 200 -18.52 -12.03 9.70
CA THR A 200 -18.29 -11.00 8.69
C THR A 200 -19.57 -10.29 8.28
N GLN A 201 -20.63 -11.10 8.18
CA GLN A 201 -21.95 -10.64 7.78
C GLN A 201 -22.41 -9.65 8.82
N THR A 202 -22.18 -9.98 10.09
CA THR A 202 -22.61 -9.09 11.20
C THR A 202 -21.90 -7.74 11.13
N VAL A 203 -20.63 -7.76 10.74
CA VAL A 203 -19.81 -6.54 10.63
C VAL A 203 -20.28 -5.73 9.44
N ILE A 204 -20.52 -6.41 8.31
CA ILE A 204 -21.15 -5.73 7.14
C ILE A 204 -22.41 -4.90 7.57
N GLU A 205 -23.27 -5.56 8.37
CA GLU A 205 -24.48 -4.92 8.85
C GLU A 205 -24.13 -3.76 9.75
N THR A 206 -23.15 -3.97 10.62
CA THR A 206 -22.69 -2.88 11.50
C THR A 206 -22.17 -1.71 10.70
N VAL A 207 -21.36 -1.96 9.69
CA VAL A 207 -20.78 -0.85 8.87
C VAL A 207 -21.86 -0.12 8.11
N ARG A 208 -22.77 -0.92 7.56
CA ARG A 208 -23.96 -0.43 6.85
C ARG A 208 -24.69 0.62 7.62
N SER A 209 -24.74 0.50 8.93
CA SER A 209 -25.55 1.40 9.72
C SER A 209 -24.78 2.48 10.44
N LEU A 210 -23.48 2.59 10.18
CA LEU A 210 -22.69 3.67 10.75
C LEU A 210 -23.07 5.06 10.24
N GLU A 211 -22.91 6.07 11.06
CA GLU A 211 -23.22 7.41 10.62
C GLU A 211 -21.99 8.18 10.11
N LEU A 212 -20.83 7.54 10.10
CA LEU A 212 -19.61 8.19 9.61
C LEU A 212 -19.59 8.33 8.10
N PRO A 213 -19.07 9.47 7.62
CA PRO A 213 -18.86 9.53 6.18
C PRO A 213 -17.83 8.45 5.79
N LEU A 214 -18.13 7.65 4.78
CA LEU A 214 -17.25 6.57 4.37
C LEU A 214 -17.22 6.52 2.84
N TYR A 215 -16.48 5.56 2.28
CA TYR A 215 -16.24 5.59 0.88
C TYR A 215 -16.54 4.26 0.28
N GLY A 216 -17.02 4.26 -0.96
CA GLY A 216 -17.11 3.06 -1.81
C GLY A 216 -18.20 2.03 -1.44
N LYS A 217 -18.26 0.95 -2.20
CA LYS A 217 -19.26 -0.05 -2.01
C LYS A 217 -18.92 -0.97 -0.84
N LEU A 218 -19.96 -1.23 -0.05
CA LEU A 218 -19.95 -2.14 1.07
C LEU A 218 -19.95 -3.55 0.57
N GLU A 219 -20.72 -3.85 -0.47
CA GLU A 219 -20.87 -5.21 -1.01
C GLU A 219 -20.81 -5.18 -2.50
N PRO A 220 -20.42 -6.27 -3.15
CA PRO A 220 -20.06 -7.56 -2.56
C PRO A 220 -18.67 -7.49 -1.89
N PHE A 221 -18.55 -8.09 -0.72
CA PHE A 221 -17.28 -8.18 -0.02
C PHE A 221 -16.76 -9.59 -0.21
N HIS A 222 -15.59 -9.72 -0.83
CA HIS A 222 -15.09 -11.04 -1.16
C HIS A 222 -13.70 -11.27 -0.66
N TRP A 223 -13.23 -10.37 0.17
CA TRP A 223 -11.88 -10.47 0.66
C TRP A 223 -11.56 -11.53 1.76
N PRO A 224 -10.36 -12.19 1.75
CA PRO A 224 -10.04 -13.07 2.89
C PRO A 224 -9.99 -12.27 4.19
N VAL A 225 -10.59 -12.82 5.26
CA VAL A 225 -10.54 -12.20 6.59
C VAL A 225 -9.90 -13.01 7.69
N THR A 226 -9.57 -14.25 7.40
CA THR A 226 -8.88 -15.11 8.34
C THR A 226 -7.57 -15.58 7.77
N ARG A 227 -6.70 -15.97 8.69
CA ARG A 227 -5.43 -16.55 8.32
C ARG A 227 -5.58 -17.67 7.29
N SER A 228 -6.52 -18.54 7.57
CA SER A 228 -6.75 -19.68 6.71
C SER A 228 -7.16 -19.26 5.30
N GLN A 229 -7.95 -18.22 5.18
CA GLN A 229 -8.36 -17.72 3.85
C GLN A 229 -7.21 -17.01 3.16
N ALA A 230 -6.46 -16.26 3.94
CA ALA A 230 -5.28 -15.57 3.44
C ALA A 230 -4.25 -16.56 2.86
N LEU A 231 -4.03 -17.67 3.57
CA LEU A 231 -3.16 -18.73 3.12
C LEU A 231 -3.71 -19.36 1.84
N GLU A 232 -5.03 -19.54 1.78
CA GLU A 232 -5.67 -20.01 0.56
C GLU A 232 -5.46 -19.07 -0.61
N ALA A 233 -5.80 -17.79 -0.43
CA ALA A 233 -5.52 -16.79 -1.46
C ALA A 233 -4.07 -16.93 -1.92
N LEU A 234 -3.15 -17.02 -0.97
CA LEU A 234 -1.72 -17.07 -1.32
C LEU A 234 -1.41 -18.31 -2.17
N ASP A 235 -1.96 -19.45 -1.77
CA ASP A 235 -1.69 -20.70 -2.44
C ASP A 235 -2.24 -20.73 -3.84
N GLN A 236 -3.37 -20.07 -4.03
CA GLN A 236 -3.94 -20.00 -5.33
C GLN A 236 -3.11 -19.10 -6.25
N PHE A 237 -2.65 -17.96 -5.73
CA PHE A 237 -1.78 -17.12 -6.49
C PHE A 237 -0.55 -17.95 -6.91
N LEU A 238 -0.01 -18.69 -5.96
CA LEU A 238 1.21 -19.42 -6.23
C LEU A 238 1.07 -20.53 -7.31
N THR A 239 -0.09 -21.17 -7.36
CA THR A 239 -0.29 -22.34 -8.20
C THR A 239 -0.85 -21.95 -9.54
N VAL A 240 -1.55 -20.82 -9.64
CA VAL A 240 -2.21 -20.39 -10.88
C VAL A 240 -1.46 -19.19 -11.49
N LYS A 241 -1.29 -18.09 -10.76
CA LYS A 241 -0.82 -16.84 -11.38
C LYS A 241 0.68 -16.60 -11.33
N LEU A 242 1.38 -17.13 -10.34
CA LEU A 242 2.79 -16.78 -10.19
C LEU A 242 3.55 -17.03 -11.51
N LYS A 243 3.15 -18.01 -12.29
CA LYS A 243 3.81 -18.31 -13.54
C LYS A 243 3.85 -17.25 -14.59
N THR A 244 3.00 -16.23 -14.48
CA THR A 244 2.97 -15.12 -15.43
C THR A 244 2.88 -13.77 -14.72
N PHE A 245 3.37 -13.70 -13.48
CA PHE A 245 3.34 -12.46 -12.72
C PHE A 245 4.34 -11.54 -13.32
N GLY A 246 5.48 -12.09 -13.68
CA GLY A 246 6.57 -11.27 -14.22
C GLY A 246 6.18 -10.47 -15.46
N PRO A 247 5.81 -11.18 -16.57
CA PRO A 247 5.71 -10.54 -17.87
C PRO A 247 4.80 -9.32 -17.90
N TYR A 248 3.62 -9.47 -17.27
CA TYR A 248 2.59 -8.44 -17.32
C TYR A 248 2.53 -7.65 -16.02
N GLN A 249 3.63 -7.61 -15.29
CA GLN A 249 3.69 -6.86 -14.02
C GLN A 249 3.19 -5.42 -14.14
N ASP A 250 3.64 -4.72 -15.18
CA ASP A 250 3.29 -3.31 -15.41
C ASP A 250 2.18 -3.10 -16.44
N ALA A 251 1.45 -4.16 -16.79
CA ALA A 251 0.43 -4.06 -17.85
C ALA A 251 -0.89 -3.60 -17.27
N MET A 252 -1.65 -2.82 -18.03
CA MET A 252 -2.98 -2.41 -17.62
C MET A 252 -3.95 -2.73 -18.72
N VAL A 253 -5.07 -3.30 -18.35
CA VAL A 253 -6.09 -3.69 -19.33
C VAL A 253 -7.45 -3.23 -18.85
N SER A 254 -8.14 -2.51 -19.72
CA SER A 254 -9.54 -2.15 -19.55
C SER A 254 -10.45 -3.35 -19.15
N GLY A 255 -11.23 -3.17 -18.09
CA GLY A 255 -12.07 -4.23 -17.56
C GLY A 255 -11.38 -5.25 -16.66
N GLN A 256 -10.09 -5.08 -16.42
CA GLN A 256 -9.35 -6.13 -15.71
C GLN A 256 -8.73 -5.56 -14.44
N ALA A 257 -9.43 -5.79 -13.34
CA ALA A 257 -9.04 -5.15 -12.07
C ALA A 257 -7.79 -5.76 -11.38
N THR A 258 -7.52 -7.05 -11.60
CA THR A 258 -6.62 -7.79 -10.76
C THR A 258 -5.50 -8.46 -11.50
N MET A 259 -5.75 -8.91 -12.74
CA MET A 259 -4.65 -9.32 -13.65
C MET A 259 -3.95 -10.52 -13.00
N TRP A 260 -2.61 -10.57 -13.03
CA TRP A 260 -1.88 -11.69 -12.39
C TRP A 260 -1.28 -11.33 -11.01
N HIS A 261 -1.84 -10.30 -10.36
CA HIS A 261 -1.46 -9.90 -9.00
C HIS A 261 -2.11 -10.83 -7.91
N SER A 262 -1.47 -10.86 -6.73
CA SER A 262 -1.70 -11.83 -5.63
C SER A 262 -2.82 -11.40 -4.70
N LEU A 263 -2.98 -10.07 -4.58
CA LEU A 263 -3.98 -9.45 -3.74
C LEU A 263 -3.91 -9.82 -2.25
N ILE A 264 -2.69 -10.08 -1.78
CA ILE A 264 -2.48 -10.46 -0.37
C ILE A 264 -2.10 -9.30 0.51
N ALA A 265 -1.84 -8.12 -0.05
CA ALA A 265 -1.31 -6.98 0.75
C ALA A 265 -2.28 -6.60 1.88
N PRO A 266 -3.58 -6.61 1.64
CA PRO A 266 -4.38 -6.25 2.80
C PRO A 266 -4.23 -7.29 3.98
N ALA A 267 -4.02 -8.56 3.62
CA ALA A 267 -3.92 -9.63 4.60
C ALA A 267 -2.57 -9.57 5.30
N LEU A 268 -1.51 -9.46 4.51
CA LEU A 268 -0.16 -9.15 5.07
C LEU A 268 -0.15 -7.97 6.03
N ASN A 269 -0.79 -6.90 5.64
CA ASN A 269 -0.75 -5.68 6.40
C ASN A 269 -1.60 -5.67 7.67
N LEU A 270 -2.53 -6.62 7.80
CA LEU A 270 -3.21 -6.91 9.08
C LEU A 270 -2.45 -7.82 10.04
N GLY A 271 -1.47 -8.55 9.52
CA GLY A 271 -0.70 -9.51 10.28
C GLY A 271 -1.11 -10.93 10.04
N LEU A 272 -2.13 -11.15 9.23
CA LEU A 272 -2.60 -12.54 9.05
C LEU A 272 -1.62 -13.43 8.30
N LEU A 273 -0.70 -12.83 7.57
CA LEU A 273 0.39 -13.50 6.96
C LEU A 273 1.67 -12.81 7.41
N HIS A 274 2.76 -13.55 7.40
CA HIS A 274 4.04 -13.00 7.73
C HIS A 274 4.83 -12.95 6.45
N PRO A 275 5.53 -11.84 6.22
CA PRO A 275 6.35 -11.68 5.04
C PRO A 275 7.34 -12.83 4.74
N LEU A 276 7.97 -13.40 5.75
CA LEU A 276 8.91 -14.50 5.53
C LEU A 276 8.25 -15.74 5.02
N GLU A 277 7.12 -16.08 5.59
CA GLU A 277 6.39 -17.24 5.16
C GLU A 277 6.00 -17.07 3.72
N VAL A 278 5.60 -15.87 3.36
CA VAL A 278 5.22 -15.59 1.97
C VAL A 278 6.37 -15.84 1.03
N ILE A 279 7.55 -15.34 1.43
CA ILE A 279 8.78 -15.53 0.67
C ILE A 279 9.20 -17.02 0.59
N ARG A 280 9.14 -17.76 1.69
CA ARG A 280 9.54 -19.16 1.71
C ARG A 280 8.64 -20.00 0.86
N GLN A 281 7.34 -19.76 0.95
CA GLN A 281 6.42 -20.46 0.05
C GLN A 281 6.68 -20.12 -1.40
N THR A 282 7.03 -18.90 -1.72
CA THR A 282 7.29 -18.51 -3.10
C THR A 282 8.51 -19.23 -3.65
N GLU A 283 9.48 -19.48 -2.80
CA GLU A 283 10.67 -20.20 -3.20
C GLU A 283 10.35 -21.65 -3.39
N GLN A 284 9.55 -22.19 -2.51
CA GLN A 284 9.18 -23.59 -2.58
C GLN A 284 8.45 -23.80 -3.88
N ALA A 285 7.57 -22.88 -4.21
CA ALA A 285 6.89 -22.95 -5.46
C ALA A 285 7.86 -23.05 -6.63
N PHE A 286 8.91 -22.21 -6.64
CA PHE A 286 9.95 -22.33 -7.65
C PHE A 286 10.62 -23.71 -7.67
N HIS A 287 10.95 -24.25 -6.48
CA HIS A 287 11.56 -25.58 -6.45
C HIS A 287 10.56 -26.69 -6.74
N ASN A 288 9.24 -26.42 -6.71
CA ASN A 288 8.26 -27.35 -7.26
C ASN A 288 7.89 -27.08 -8.71
N ASN A 289 8.76 -26.45 -9.49
CA ASN A 289 8.43 -26.16 -10.91
C ASN A 289 7.08 -25.49 -11.14
N GLN A 290 6.70 -24.53 -10.32
CA GLN A 290 5.47 -23.81 -10.54
C GLN A 290 5.58 -22.51 -11.30
N ALA A 291 6.77 -21.95 -11.47
CA ALA A 291 6.90 -20.64 -12.14
C ALA A 291 8.32 -20.42 -12.56
N PRO A 292 8.56 -19.63 -13.62
CA PRO A 292 9.94 -19.27 -13.95
C PRO A 292 10.55 -18.35 -12.91
N ILE A 293 11.87 -18.46 -12.79
CA ILE A 293 12.62 -17.67 -11.88
C ILE A 293 12.36 -16.13 -12.01
N ALA A 294 12.12 -15.64 -13.21
CA ALA A 294 11.95 -14.19 -13.35
C ALA A 294 10.73 -13.68 -12.59
N SER A 295 9.62 -14.43 -12.68
CA SER A 295 8.38 -14.14 -11.98
C SER A 295 8.56 -14.44 -10.50
N VAL A 296 9.33 -15.50 -10.20
CA VAL A 296 9.54 -15.88 -8.81
C VAL A 296 10.30 -14.78 -8.11
N GLU A 297 11.40 -14.38 -8.74
CA GLU A 297 12.22 -13.37 -8.10
C GLU A 297 11.47 -12.05 -8.09
N GLY A 298 10.69 -11.83 -9.13
CA GLY A 298 9.89 -10.62 -9.28
C GLY A 298 8.97 -10.42 -8.10
N PHE A 299 8.24 -11.46 -7.78
CA PHE A 299 7.33 -11.44 -6.65
C PHE A 299 8.05 -11.19 -5.31
N ILE A 300 9.04 -12.02 -5.06
CA ILE A 300 9.84 -11.90 -3.85
C ILE A 300 10.40 -10.52 -3.62
N ARG A 301 10.89 -9.85 -4.65
CA ARG A 301 11.45 -8.49 -4.57
C ARG A 301 10.45 -7.46 -4.11
N GLN A 302 9.19 -7.73 -4.36
CA GLN A 302 8.16 -6.82 -3.90
C GLN A 302 7.96 -6.90 -2.39
N ILE A 303 8.23 -8.05 -1.79
CA ILE A 303 8.13 -8.21 -0.34
C ILE A 303 9.48 -8.03 0.37
N LEU A 304 10.47 -8.83 0.03
CA LEU A 304 11.82 -8.71 0.58
C LEU A 304 12.45 -7.33 0.36
N GLY A 305 12.17 -6.73 -0.81
CA GLY A 305 12.67 -5.42 -1.19
C GLY A 305 11.70 -4.31 -0.82
N TRP A 306 10.77 -4.02 -1.72
CA TRP A 306 9.92 -2.87 -1.62
C TRP A 306 9.19 -2.75 -0.29
N ARG A 307 8.47 -3.79 0.11
CA ARG A 307 7.70 -3.74 1.34
C ARG A 307 8.57 -3.47 2.58
N GLU A 308 9.63 -4.23 2.73
CA GLU A 308 10.57 -3.97 3.83
C GLU A 308 11.14 -2.57 3.78
N TYR A 309 11.43 -2.11 2.57
CA TYR A 309 12.02 -0.84 2.37
C TYR A 309 11.10 0.23 2.92
N MET A 310 9.81 0.11 2.62
CA MET A 310 8.87 1.18 2.98
C MET A 310 8.69 1.22 4.50
N TYR A 311 8.55 0.06 5.12
CA TYR A 311 8.41 0.01 6.56
C TYR A 311 9.64 0.62 7.27
N GLY A 312 10.83 0.17 6.89
CA GLY A 312 12.10 0.78 7.33
C GLY A 312 12.17 2.29 7.19
N LEU A 313 11.87 2.83 6.01
CA LEU A 313 11.90 4.27 5.78
C LEU A 313 10.87 5.05 6.56
N HIS A 314 9.73 4.47 6.79
CA HIS A 314 8.76 5.16 7.61
C HIS A 314 9.34 5.47 9.01
N HIS A 315 10.04 4.53 9.63
CA HIS A 315 10.69 4.75 10.92
C HIS A 315 12.09 5.39 10.82
N TYR A 316 12.77 5.28 9.69
CA TYR A 316 14.09 5.88 9.53
C TYR A 316 14.02 7.36 9.23
N PHE A 317 13.13 7.73 8.33
CA PHE A 317 12.92 9.15 8.04
C PHE A 317 12.47 9.95 9.26
N PRO A 318 12.64 11.28 9.22
CA PRO A 318 12.11 12.08 10.33
C PRO A 318 10.61 11.96 10.44
N ASP A 319 10.11 12.21 11.62
CA ASP A 319 8.67 12.14 11.82
C ASP A 319 7.87 13.25 11.16
N THR A 320 8.54 14.29 10.64
CA THR A 320 7.94 15.36 9.78
C THR A 320 7.89 15.04 8.28
N TYR A 321 8.35 13.86 7.86
CA TYR A 321 8.39 13.44 6.47
C TYR A 321 7.02 13.55 5.79
N GLY A 322 5.95 13.37 6.56
CA GLY A 322 4.62 13.60 6.04
C GLY A 322 4.33 14.99 5.51
N GLN A 323 5.11 16.00 5.92
CA GLN A 323 4.93 17.33 5.39
C GLN A 323 5.80 17.62 4.14
N SER A 324 6.48 16.61 3.60
CA SER A 324 7.33 16.82 2.41
C SER A 324 6.50 17.38 1.25
N ASN A 325 6.94 18.50 0.68
CA ASN A 325 6.30 19.06 -0.51
C ASN A 325 7.35 19.79 -1.35
N TRP A 326 8.24 19.02 -1.99
CA TRP A 326 9.35 19.57 -2.74
C TRP A 326 8.94 20.45 -3.92
N PHE A 327 7.83 20.09 -4.56
CA PHE A 327 7.32 20.83 -5.69
C PHE A 327 6.43 21.96 -5.26
N GLU A 328 6.15 22.09 -3.98
CA GLU A 328 5.22 23.15 -3.51
C GLU A 328 3.89 23.09 -4.24
N HIS A 329 3.35 21.88 -4.36
CA HIS A 329 2.07 21.66 -5.00
C HIS A 329 0.99 21.75 -3.96
N ASP A 330 -0.08 22.46 -4.28
CA ASP A 330 -1.07 22.70 -3.28
C ASP A 330 -2.52 22.63 -3.79
N ARG A 331 -2.77 22.07 -4.98
CA ARG A 331 -4.13 22.08 -5.55
C ARG A 331 -4.92 20.95 -4.89
N PRO A 332 -6.23 21.17 -4.64
CA PRO A 332 -7.08 20.16 -4.03
C PRO A 332 -7.30 19.05 -5.02
N LEU A 333 -7.60 17.86 -4.54
CA LEU A 333 -8.04 16.78 -5.42
C LEU A 333 -9.30 17.16 -6.19
N PRO A 334 -9.37 16.80 -7.48
CA PRO A 334 -10.64 16.93 -8.13
C PRO A 334 -11.63 16.01 -7.48
N GLU A 335 -12.87 16.48 -7.42
CA GLU A 335 -13.99 15.69 -6.89
C GLU A 335 -14.03 14.30 -7.51
N PHE A 336 -13.61 14.13 -8.77
CA PHE A 336 -13.61 12.81 -9.41
C PHE A 336 -12.77 11.74 -8.71
N PHE A 337 -11.84 12.13 -7.86
CA PHE A 337 -11.16 11.10 -7.02
C PHE A 337 -12.16 10.45 -6.07
N TRP A 338 -13.16 11.19 -5.61
CA TRP A 338 -14.18 10.69 -4.70
C TRP A 338 -15.41 10.06 -5.41
N THR A 339 -15.90 10.69 -6.46
CA THR A 339 -17.07 10.18 -7.18
C THR A 339 -16.75 9.18 -8.33
N GLY A 340 -15.52 9.20 -8.80
CA GLY A 340 -15.12 8.46 -10.03
C GLY A 340 -15.60 9.01 -11.37
N GLN A 341 -16.19 10.20 -11.37
N GLN A 341 -16.18 10.21 -11.35
CA GLN A 341 -16.86 10.74 -12.55
CA GLN A 341 -16.86 10.77 -12.52
C GLN A 341 -15.91 11.55 -13.39
C GLN A 341 -15.90 11.56 -13.38
N THR A 342 -15.17 10.85 -14.24
CA THR A 342 -14.27 11.49 -15.21
C THR A 342 -14.39 10.76 -16.53
N ASP A 343 -14.09 11.46 -17.61
CA ASP A 343 -14.00 10.80 -18.92
C ASP A 343 -12.55 10.57 -19.36
N LEU A 344 -11.60 10.70 -18.43
CA LEU A 344 -10.25 10.21 -18.65
C LEU A 344 -10.34 8.74 -18.36
N HIS A 345 -10.27 7.94 -19.41
CA HIS A 345 -10.66 6.52 -19.29
C HIS A 345 -9.75 5.80 -18.30
N CYS A 346 -8.44 6.03 -18.39
CA CYS A 346 -7.48 5.40 -17.50
C CYS A 346 -7.88 5.66 -16.02
N LEU A 347 -8.14 6.92 -15.68
CA LEU A 347 -8.53 7.24 -14.32
C LEU A 347 -9.88 6.59 -13.93
N GLN A 348 -10.83 6.59 -14.85
CA GLN A 348 -12.17 6.13 -14.58
C GLN A 348 -12.11 4.67 -14.20
N GLN A 349 -11.32 3.90 -14.98
CA GLN A 349 -11.12 2.49 -14.73
C GLN A 349 -10.58 2.20 -13.32
N CYS A 350 -9.54 2.94 -12.95
CA CYS A 350 -9.00 2.87 -11.59
C CYS A 350 -10.04 3.15 -10.53
N PHE A 351 -10.70 4.31 -10.66
CA PHE A 351 -11.68 4.75 -9.61
C PHE A 351 -12.83 3.72 -9.52
N GLN A 352 -13.24 3.23 -10.69
CA GLN A 352 -14.28 2.25 -10.70
C GLN A 352 -13.93 1.03 -9.81
N GLN A 353 -12.74 0.45 -10.03
CA GLN A 353 -12.35 -0.73 -9.22
C GLN A 353 -12.04 -0.40 -7.73
N ILE A 354 -11.46 0.77 -7.49
CA ILE A 354 -11.24 1.20 -6.11
C ILE A 354 -12.56 1.36 -5.35
N GLU A 355 -13.54 1.98 -5.99
CA GLU A 355 -14.88 2.06 -5.42
C GLU A 355 -15.43 0.67 -5.09
N ALA A 356 -15.29 -0.22 -6.05
CA ALA A 356 -15.91 -1.53 -5.97
C ALA A 356 -15.20 -2.48 -5.02
N ILE A 357 -13.86 -2.53 -5.02
CA ILE A 357 -13.15 -3.50 -4.14
C ILE A 357 -12.06 -2.93 -3.22
N GLY A 358 -11.85 -1.63 -3.23
CA GLY A 358 -10.78 -0.99 -2.46
C GLY A 358 -9.37 -1.33 -2.87
N TYR A 359 -9.21 -1.55 -4.16
CA TYR A 359 -7.94 -2.02 -4.70
C TYR A 359 -7.72 -1.54 -6.15
N SER A 360 -6.49 -1.04 -6.35
CA SER A 360 -5.89 -0.86 -7.66
C SER A 360 -4.54 -1.54 -7.58
N HIS A 361 -4.00 -1.97 -8.72
CA HIS A 361 -2.69 -2.63 -8.69
C HIS A 361 -1.58 -1.63 -8.82
N HIS A 362 -0.36 -2.06 -8.55
CA HIS A 362 0.74 -1.18 -8.36
C HIS A 362 0.91 -0.16 -9.46
N ILE A 363 0.89 -0.62 -10.73
CA ILE A 363 1.22 0.29 -11.84
C ILE A 363 0.08 1.32 -12.04
N GLN A 364 -1.11 0.97 -11.59
CA GLN A 364 -2.21 1.93 -11.55
C GLN A 364 -1.94 3.02 -10.51
N ARG A 365 -1.46 2.58 -9.37
CA ARG A 365 -1.22 3.48 -8.25
C ARG A 365 -0.17 4.44 -8.64
N LEU A 366 0.87 3.98 -9.37
CA LEU A 366 2.03 4.84 -9.69
C LEU A 366 1.88 5.63 -11.00
N MET A 367 1.60 4.93 -12.09
CA MET A 367 1.64 5.54 -13.43
C MET A 367 0.37 6.13 -13.95
N ILE A 368 -0.79 5.77 -13.36
CA ILE A 368 -2.01 6.50 -13.60
C ILE A 368 -2.32 7.52 -12.49
N LEU A 369 -2.49 7.05 -11.26
CA LEU A 369 -3.05 7.88 -10.17
C LEU A 369 -2.04 8.87 -9.62
N ALA A 370 -0.93 8.36 -9.10
CA ALA A 370 0.15 9.23 -8.59
C ALA A 370 0.74 10.12 -9.70
N ASN A 371 1.03 9.53 -10.83
CA ASN A 371 1.46 10.29 -11.99
C ASN A 371 0.56 11.47 -12.30
N PHE A 372 -0.74 11.24 -12.39
CA PHE A 372 -1.72 12.31 -12.60
C PHE A 372 -1.64 13.36 -11.48
N ALA A 373 -1.56 12.90 -10.23
CA ALA A 373 -1.51 13.81 -9.11
C ALA A 373 -0.26 14.64 -9.09
N LEU A 374 0.83 14.13 -9.64
CA LEU A 374 2.10 14.86 -9.66
C LEU A 374 2.01 15.89 -10.79
N ILE A 375 1.66 15.48 -12.00
CA ILE A 375 1.61 16.43 -13.12
C ILE A 375 0.46 17.42 -13.02
N ALA A 376 -0.55 17.16 -12.20
CA ALA A 376 -1.62 18.09 -12.06
C ALA A 376 -1.36 19.05 -10.91
N GLY A 377 -0.28 18.90 -10.18
CA GLY A 377 0.05 19.84 -9.13
C GLY A 377 -0.81 19.73 -7.91
N LEU A 378 -1.13 18.52 -7.53
CA LEU A 378 -2.01 18.31 -6.44
C LEU A 378 -1.35 18.24 -5.10
N ASP A 379 -2.05 18.69 -4.07
CA ASP A 379 -1.55 18.64 -2.72
C ASP A 379 -1.15 17.19 -2.34
N PRO A 380 0.17 16.93 -2.10
CA PRO A 380 0.61 15.56 -1.76
C PRO A 380 -0.02 14.96 -0.55
N TRP A 381 -0.34 15.79 0.44
CA TRP A 381 -0.98 15.32 1.68
C TRP A 381 -2.40 14.80 1.39
N ALA A 382 -3.11 15.55 0.56
CA ALA A 382 -4.44 15.22 0.13
C ALA A 382 -4.43 13.90 -0.64
N VAL A 383 -3.50 13.76 -1.59
CA VAL A 383 -3.43 12.55 -2.38
C VAL A 383 -3.16 11.38 -1.45
N LYS A 384 -2.23 11.60 -0.51
CA LYS A 384 -1.83 10.54 0.38
C LYS A 384 -3.02 10.06 1.27
N GLU A 385 -3.78 11.03 1.73
CA GLU A 385 -4.93 10.76 2.54
C GLU A 385 -6.00 10.04 1.73
N TRP A 386 -6.23 10.49 0.50
CA TRP A 386 -7.19 9.80 -0.34
C TRP A 386 -6.79 8.28 -0.51
N PHE A 387 -5.53 8.00 -0.84
CA PHE A 387 -5.07 6.62 -0.96
C PHE A 387 -5.31 5.91 0.36
N GLN A 388 -5.04 6.58 1.47
CA GLN A 388 -5.15 5.92 2.77
C GLN A 388 -6.62 5.57 3.12
N ALA A 389 -7.55 6.44 2.74
CA ALA A 389 -8.99 6.13 2.94
C ALA A 389 -9.53 5.02 2.09
N THR A 390 -9.09 4.96 0.84
CA THR A 390 -9.71 4.19 -0.20
C THR A 390 -9.15 2.76 -0.44
N HIS A 391 -7.93 2.49 -0.04
CA HIS A 391 -7.30 1.20 -0.31
C HIS A 391 -7.19 0.31 0.91
N LEU A 392 -7.56 -0.95 0.76
CA LEU A 392 -7.71 -1.84 1.91
C LEU A 392 -6.39 -2.28 2.58
N ASP A 393 -5.30 -2.12 1.85
CA ASP A 393 -3.92 -2.34 2.34
C ASP A 393 -3.25 -1.09 2.94
N ALA A 394 -3.99 -0.01 3.04
CA ALA A 394 -3.43 1.26 3.50
C ALA A 394 -3.22 1.60 4.95
N TYR A 395 -2.00 1.98 5.29
CA TYR A 395 -1.65 2.39 6.63
C TYR A 395 -0.59 3.45 6.40
N ASP A 396 -0.21 4.18 7.43
CA ASP A 396 0.76 5.26 7.28
C ASP A 396 2.12 4.84 6.82
N TRP A 397 2.62 3.73 7.33
CA TRP A 397 3.93 3.25 6.99
C TRP A 397 4.12 2.97 5.55
N VAL A 398 3.07 2.54 4.89
CA VAL A 398 3.15 2.16 3.52
C VAL A 398 2.66 3.26 2.60
N MET A 399 1.75 4.09 3.06
CA MET A 399 1.23 5.16 2.25
C MET A 399 2.04 6.46 2.27
N GLU A 400 2.59 6.87 3.40
CA GLU A 400 3.52 8.01 3.44
C GLU A 400 4.71 7.81 2.48
N THR A 401 5.28 6.63 2.57
CA THR A 401 6.44 6.28 1.77
C THR A 401 6.07 6.12 0.30
N ASN A 402 5.10 5.27 -0.03
CA ASN A 402 4.74 5.03 -1.43
C ASN A 402 4.22 6.26 -2.17
N VAL A 403 3.38 7.06 -1.51
CA VAL A 403 2.85 8.24 -2.14
C VAL A 403 3.88 9.36 -2.23
N LEU A 404 4.43 9.75 -1.08
CA LEU A 404 5.26 10.94 -1.00
C LEU A 404 6.67 10.69 -1.55
N GLY A 405 7.11 9.45 -1.38
CA GLY A 405 8.38 9.04 -1.93
C GLY A 405 8.29 8.60 -3.37
N MET A 406 7.67 7.49 -3.63
CA MET A 406 7.64 6.93 -4.98
C MET A 406 6.71 7.61 -5.98
N GLY A 407 5.47 7.85 -5.60
CA GLY A 407 4.48 8.38 -6.56
C GLY A 407 4.62 9.84 -6.92
N LEU A 408 4.98 10.66 -5.93
CA LEU A 408 4.96 12.13 -6.06
C LEU A 408 6.29 12.85 -5.95
N PHE A 409 7.35 12.12 -5.60
CA PHE A 409 8.67 12.70 -5.50
C PHE A 409 8.62 13.97 -4.63
N ALA A 410 7.75 13.95 -3.62
CA ALA A 410 7.43 15.09 -2.77
C ALA A 410 8.48 15.31 -1.73
N ASP A 411 9.33 14.29 -1.53
CA ASP A 411 10.51 14.38 -0.67
C ASP A 411 11.78 14.79 -1.43
N GLY A 412 11.65 15.09 -2.70
CA GLY A 412 12.78 15.47 -3.57
C GLY A 412 13.77 14.38 -3.95
N GLY A 413 13.37 13.12 -3.85
CA GLY A 413 14.19 11.99 -4.25
C GLY A 413 14.96 11.31 -3.16
N LYS A 414 14.56 11.44 -1.90
CA LYS A 414 15.15 10.60 -0.83
C LYS A 414 14.88 9.12 -1.07
N LEU A 415 13.68 8.79 -1.48
CA LEU A 415 13.32 7.40 -1.70
C LEU A 415 13.59 6.95 -3.11
N ALA A 416 13.24 7.77 -4.08
CA ALA A 416 13.37 7.38 -5.46
C ALA A 416 14.41 8.09 -6.25
N SER A 417 14.77 7.52 -7.38
CA SER A 417 15.82 8.08 -8.22
C SER A 417 15.35 9.24 -8.99
N LYS A 418 14.16 9.13 -9.53
CA LYS A 418 13.67 10.16 -10.37
C LYS A 418 12.17 10.28 -10.27
N PRO A 419 11.58 11.43 -10.74
CA PRO A 419 10.13 11.41 -10.77
C PRO A 419 9.62 10.40 -11.79
N TYR A 420 8.52 9.71 -11.49
CA TYR A 420 7.93 8.76 -12.39
C TYR A 420 6.94 9.44 -13.30
N ALA A 421 6.77 10.76 -13.19
CA ALA A 421 5.93 11.48 -14.12
C ALA A 421 6.05 11.01 -15.57
N ALA A 422 4.92 11.02 -16.26
CA ALA A 422 4.86 10.64 -17.64
C ALA A 422 3.61 11.15 -18.34
N SER A 423 3.81 11.38 -19.64
CA SER A 423 2.74 11.81 -20.53
C SER A 423 1.93 10.56 -20.98
N ALA A 424 0.99 10.78 -21.87
CA ALA A 424 0.22 9.65 -22.38
C ALA A 424 1.06 8.63 -23.18
N ASN A 425 2.29 8.97 -23.59
CA ASN A 425 3.11 8.02 -24.32
C ASN A 425 3.24 6.75 -23.54
N TYR A 426 3.37 6.89 -22.21
CA TYR A 426 3.60 5.72 -21.37
C TYR A 426 2.31 4.92 -21.31
N ILE A 427 1.25 5.63 -20.91
CA ILE A 427 -0.02 4.98 -20.67
C ILE A 427 -0.52 4.30 -21.96
N ASN A 428 -0.46 4.94 -23.13
CA ASN A 428 -0.88 4.28 -24.38
C ASN A 428 -0.05 2.99 -24.75
N ARG A 429 1.20 2.98 -24.32
CA ARG A 429 2.10 1.89 -24.63
C ARG A 429 1.88 0.71 -23.68
N MET A 430 1.63 0.98 -22.41
CA MET A 430 1.60 -0.04 -21.40
C MET A 430 0.19 -0.46 -21.04
N SER A 431 -0.79 0.08 -21.77
CA SER A 431 -2.21 -0.19 -21.49
C SER A 431 -2.93 -0.22 -22.82
N ASN A 432 -4.19 -0.64 -22.78
CA ASN A 432 -5.14 -0.46 -23.88
C ASN A 432 -6.22 0.58 -23.55
N TYR A 433 -5.99 1.42 -22.51
CA TYR A 433 -7.04 2.34 -22.05
C TYR A 433 -7.38 3.40 -23.12
N CYS A 434 -6.37 3.92 -23.84
CA CYS A 434 -6.55 5.11 -24.70
C CYS A 434 -7.48 4.73 -25.86
N GLN A 435 -7.54 3.44 -26.22
CA GLN A 435 -8.39 2.99 -27.32
C GLN A 435 -9.88 3.19 -27.03
N ASN A 436 -10.26 2.99 -25.79
CA ASN A 436 -11.63 3.16 -25.34
C ASN A 436 -11.87 4.62 -24.76
N CYS A 437 -10.98 5.60 -25.04
CA CYS A 437 -11.03 6.94 -24.38
C CYS A 437 -11.50 7.95 -25.38
N ARG A 438 -12.18 8.97 -24.90
CA ARG A 438 -12.63 10.04 -25.76
C ARG A 438 -11.54 11.04 -26.11
N TYR A 439 -10.40 10.97 -25.42
CA TYR A 439 -9.26 11.86 -25.67
C TYR A 439 -8.24 11.11 -26.53
N ASP A 440 -7.39 11.88 -27.18
CA ASP A 440 -6.36 11.38 -28.05
C ASP A 440 -5.02 11.54 -27.34
N PRO A 441 -4.31 10.41 -27.15
CA PRO A 441 -3.05 10.44 -26.48
C PRO A 441 -1.96 11.05 -27.38
N LYS A 442 -2.20 11.13 -28.69
CA LYS A 442 -1.24 11.77 -29.60
C LYS A 442 -1.46 13.30 -29.74
N GLN A 443 -2.52 13.87 -29.15
CA GLN A 443 -2.67 15.33 -29.16
C GLN A 443 -2.38 15.94 -27.80
N ARG A 444 -1.87 17.17 -27.87
CA ARG A 444 -1.53 17.96 -26.70
C ARG A 444 -2.43 19.21 -26.46
N LEU A 445 -3.00 19.77 -27.55
CA LEU A 445 -3.78 21.00 -27.49
C LEU A 445 -5.18 20.72 -27.94
N GLY A 446 -6.10 21.57 -27.50
CA GLY A 446 -7.51 21.42 -27.87
C GLY A 446 -8.30 20.47 -26.98
N ASP A 447 -9.63 20.49 -27.18
CA ASP A 447 -10.62 19.72 -26.39
C ASP A 447 -10.51 18.23 -26.49
N ARG A 448 -9.87 17.71 -27.51
CA ARG A 448 -9.70 16.26 -27.68
C ARG A 448 -8.32 15.72 -27.27
N ALA A 449 -7.43 16.58 -26.78
CA ALA A 449 -6.08 16.14 -26.32
C ALA A 449 -6.17 15.47 -24.98
N CYS A 450 -5.43 14.37 -24.82
CA CYS A 450 -5.26 13.78 -23.48
C CYS A 450 -4.72 14.83 -22.51
N PRO A 451 -5.39 15.10 -21.38
CA PRO A 451 -4.90 16.10 -20.46
C PRO A 451 -3.54 15.79 -19.82
N PHE A 452 -3.13 14.51 -19.84
CA PHE A 452 -1.81 14.16 -19.32
C PHE A 452 -0.71 14.88 -20.09
N ASN A 453 -0.92 15.08 -21.39
CA ASN A 453 0.09 15.68 -22.24
C ASN A 453 0.38 17.11 -21.93
N ALA A 454 -0.60 17.98 -21.89
CA ALA A 454 -0.36 19.37 -21.48
C ALA A 454 0.10 19.48 -20.04
N LEU A 455 -0.45 18.69 -19.13
CA LEU A 455 -0.01 18.72 -17.74
C LEU A 455 1.49 18.27 -17.55
N TYR A 456 1.93 17.24 -18.25
CA TYR A 456 3.28 16.70 -18.11
C TYR A 456 4.31 17.72 -18.60
N TRP A 457 4.03 18.30 -19.76
CA TRP A 457 4.92 19.29 -20.36
C TRP A 457 4.88 20.63 -19.61
N ASP A 458 3.72 21.11 -19.16
CA ASP A 458 3.68 22.24 -18.22
C ASP A 458 4.39 21.89 -16.90
N PHE A 459 4.25 20.65 -16.44
CA PHE A 459 4.97 20.24 -15.24
C PHE A 459 6.48 20.45 -15.39
N LEU A 460 7.02 19.97 -16.50
CA LEU A 460 8.44 20.11 -16.76
C LEU A 460 8.83 21.57 -16.84
N ASP A 461 8.02 22.39 -17.48
CA ASP A 461 8.35 23.78 -17.67
C ASP A 461 8.44 24.47 -16.33
N ARG A 462 7.42 24.27 -15.52
CA ARG A 462 7.30 24.89 -14.24
C ARG A 462 8.45 24.54 -13.31
N HIS A 463 8.91 23.29 -13.33
CA HIS A 463 9.95 22.85 -12.39
C HIS A 463 11.28 22.60 -13.08
N GLU A 464 11.45 23.22 -14.25
CA GLU A 464 12.61 22.96 -15.10
C GLU A 464 13.90 23.12 -14.31
N GLN A 465 14.00 24.22 -13.56
CA GLN A 465 15.23 24.52 -12.82
C GLN A 465 15.53 23.46 -11.75
N LYS A 466 14.60 23.16 -10.89
CA LYS A 466 14.87 22.16 -9.85
C LYS A 466 15.09 20.77 -10.44
N LEU A 467 14.44 20.48 -11.55
CA LEU A 467 14.62 19.17 -12.17
C LEU A 467 16.00 19.07 -12.75
N GLN A 468 16.45 20.18 -13.33
CA GLN A 468 17.77 20.27 -13.96
C GLN A 468 18.85 20.01 -12.96
N ALA A 469 18.77 20.66 -11.81
CA ALA A 469 19.81 20.52 -10.75
C ALA A 469 19.93 19.10 -10.15
N GLN A 470 18.87 18.32 -10.14
CA GLN A 470 18.98 16.95 -9.68
C GLN A 470 19.89 16.20 -10.62
N GLY A 471 19.63 16.30 -11.91
CA GLY A 471 20.53 15.74 -12.92
C GLY A 471 20.30 14.27 -13.25
N ARG A 472 19.05 13.82 -13.14
CA ARG A 472 18.70 12.51 -13.67
C ARG A 472 17.67 12.59 -14.81
N MET A 473 17.38 13.80 -15.28
CA MET A 473 16.32 14.03 -16.27
C MET A 473 16.83 14.80 -17.51
N GLY A 474 18.13 14.67 -17.76
CA GLY A 474 18.80 15.40 -18.84
C GLY A 474 18.07 15.26 -20.17
N LEU A 475 17.77 14.00 -20.54
CA LEU A 475 17.23 13.70 -21.87
C LEU A 475 15.85 14.25 -22.08
N ILE A 476 15.01 14.00 -21.08
CA ILE A 476 13.66 14.57 -21.00
C ILE A 476 13.73 16.12 -21.05
N LEU A 477 14.65 16.76 -20.32
CA LEU A 477 14.70 18.21 -20.31
C LEU A 477 15.22 18.75 -21.61
N LYS A 478 16.04 18.01 -22.34
CA LYS A 478 16.47 18.45 -23.69
C LYS A 478 15.24 18.53 -24.58
N GLN A 479 14.33 17.55 -24.45
CA GLN A 479 13.05 17.62 -25.17
C GLN A 479 12.26 18.88 -24.84
N LEU A 480 12.07 19.16 -23.57
CA LEU A 480 11.47 20.46 -23.18
C LEU A 480 12.18 21.62 -23.84
N GLN A 481 13.51 21.56 -23.86
CA GLN A 481 14.36 22.63 -24.41
C GLN A 481 14.22 22.89 -25.90
N LYS A 482 13.74 21.90 -26.64
CA LYS A 482 13.32 22.10 -28.04
C LYS A 482 12.04 22.94 -28.28
N LEU A 483 11.26 23.18 -27.25
CA LEU A 483 10.01 23.90 -27.42
C LEU A 483 10.25 25.38 -27.27
N PRO A 484 10.03 26.17 -28.33
CA PRO A 484 9.96 27.63 -28.24
C PRO A 484 9.02 28.15 -27.13
N ASP A 485 9.16 29.43 -26.79
CA ASP A 485 8.37 30.05 -25.73
C ASP A 485 6.92 30.21 -26.14
N SER A 486 6.67 30.33 -27.44
CA SER A 486 5.27 30.40 -27.91
C SER A 486 4.60 29.02 -27.69
N ASP A 487 5.31 27.92 -28.03
CA ASP A 487 4.78 26.55 -27.81
C ASP A 487 4.56 26.16 -26.34
N ARG A 488 5.46 26.56 -25.45
CA ARG A 488 5.29 26.35 -24.02
C ARG A 488 4.24 27.27 -23.43
N ALA A 489 4.01 28.45 -24.01
CA ALA A 489 2.92 29.30 -23.56
C ALA A 489 1.60 28.62 -23.87
N ALA A 490 1.54 27.96 -25.00
CA ALA A 490 0.29 27.37 -25.43
C ALA A 490 0.00 26.16 -24.56
N ILE A 491 1.05 25.40 -24.25
CA ILE A 491 0.96 24.26 -23.37
C ILE A 491 0.45 24.68 -21.96
N ARG A 492 0.94 25.81 -21.47
CA ARG A 492 0.53 26.34 -20.18
C ARG A 492 -0.90 26.76 -20.19
N ASP A 493 -1.32 27.40 -21.26
CA ASP A 493 -2.76 27.75 -21.38
C ASP A 493 -3.64 26.51 -21.40
N GLN A 494 -3.17 25.50 -22.12
CA GLN A 494 -3.86 24.22 -22.18
C GLN A 494 -3.92 23.57 -20.81
N ALA A 495 -2.78 23.44 -20.14
CA ALA A 495 -2.81 22.93 -18.73
C ALA A 495 -3.76 23.75 -17.82
N ALA A 496 -3.69 25.06 -17.91
CA ALA A 496 -4.57 25.92 -17.13
C ALA A 496 -6.04 25.60 -17.38
N HIS A 497 -6.40 25.37 -18.64
CA HIS A 497 -7.76 25.01 -19.00
C HIS A 497 -8.30 23.69 -18.41
N TRP A 498 -7.49 22.63 -18.41
CA TRP A 498 -7.90 21.37 -17.81
C TRP A 498 -8.09 21.52 -16.32
N GLN A 499 -7.17 22.21 -15.66
CA GLN A 499 -7.26 22.45 -14.23
C GLN A 499 -8.55 23.13 -13.84
N ALA A 500 -8.95 24.10 -14.62
CA ALA A 500 -10.18 24.79 -14.33
C ALA A 500 -11.42 23.97 -14.64
N SER A 501 -11.29 23.02 -15.53
CA SER A 501 -12.44 22.24 -15.96
C SER A 501 -12.70 20.94 -15.26
N TRP A 502 -11.83 20.52 -14.35
CA TRP A 502 -11.94 19.17 -13.77
C TRP A 502 -13.32 18.76 -13.25
#